data_7S5B
#
_entry.id   7S5B
#
_cell.length_a   92.226
_cell.length_b   92.226
_cell.length_c   108.436
_cell.angle_alpha   90.000
_cell.angle_beta   90.000
_cell.angle_gamma   120.000
#
_symmetry.space_group_name_H-M   'H 3 2'
#
loop_
_entity.id
_entity.type
_entity.pdbx_description
1 polymer 'Miniprotein Binder'
2 water water
#
_entity_poly.entity_id   1
_entity_poly.type   'polypeptide(L)'
_entity_poly.pdbx_seq_one_letter_code
;SVIEKLRKLEKQARKQGDEVLVMLARMVLEYLEKGWVSEEDADESADRIEEVLKK
;
_entity_poly.pdbx_strand_id   A,B
#
# COMPACT_ATOMS: atom_id res chain seq x y z
N SER A 1 -18.20 -5.23 -5.05
CA SER A 1 -17.19 -5.08 -6.12
C SER A 1 -15.86 -4.69 -5.45
N VAL A 2 -14.83 -5.46 -5.75
CA VAL A 2 -13.49 -5.07 -5.31
C VAL A 2 -13.12 -3.72 -5.93
N ILE A 3 -13.48 -3.53 -7.20
CA ILE A 3 -13.16 -2.27 -7.88
C ILE A 3 -13.85 -1.10 -7.20
N GLU A 4 -15.15 -1.24 -6.90
CA GLU A 4 -15.85 -0.13 -6.26
C GLU A 4 -15.25 0.20 -4.90
N LYS A 5 -14.86 -0.83 -4.12
CA LYS A 5 -14.20 -0.63 -2.85
C LYS A 5 -12.90 0.17 -2.99
N LEU A 6 -12.05 -0.25 -3.93
CA LEU A 6 -10.78 0.46 -4.13
C LEU A 6 -10.98 1.89 -4.59
N ARG A 7 -11.95 2.14 -5.49
CA ARG A 7 -12.20 3.52 -5.91
C ARG A 7 -12.66 4.39 -4.76
N LYS A 8 -13.51 3.84 -3.87
CA LYS A 8 -13.98 4.60 -2.71
C LYS A 8 -12.84 4.92 -1.76
N LEU A 9 -11.94 3.94 -1.57
CA LEU A 9 -10.77 4.14 -0.71
C LEU A 9 -9.80 5.16 -1.31
N GLU A 10 -9.59 5.11 -2.61
CA GLU A 10 -8.75 6.11 -3.26
C GLU A 10 -9.28 7.52 -2.99
N LYS A 11 -10.58 7.69 -3.15
CA LYS A 11 -11.17 9.01 -2.94
C LYS A 11 -11.13 9.42 -1.47
N GLN A 12 -11.32 8.48 -0.55
CA GLN A 12 -11.18 8.81 0.87
C GLN A 12 -9.74 9.23 1.17
N ALA A 13 -8.75 8.52 0.59
CA ALA A 13 -7.38 8.94 0.75
C ALA A 13 -7.11 10.31 0.15
N ARG A 14 -7.76 10.64 -0.98
CA ARG A 14 -7.57 11.97 -1.57
C ARG A 14 -8.14 13.05 -0.64
N LYS A 15 -9.27 12.73 0.01
CA LYS A 15 -9.91 13.64 0.97
C LYS A 15 -9.04 13.83 2.20
N GLN A 16 -8.36 12.78 2.67
CA GLN A 16 -7.43 12.91 3.78
C GLN A 16 -6.06 13.47 3.38
N GLY A 17 -5.79 13.66 2.10
CA GLY A 17 -4.48 14.12 1.70
C GLY A 17 -3.38 13.09 1.90
N ASP A 18 -3.73 11.81 1.86
CA ASP A 18 -2.80 10.69 2.13
C ASP A 18 -2.27 10.16 0.81
N GLU A 19 -1.19 10.80 0.34
CA GLU A 19 -0.82 10.63 -1.06
C GLU A 19 -0.28 9.22 -1.36
N VAL A 20 0.39 8.59 -0.39
CA VAL A 20 0.85 7.21 -0.62
C VAL A 20 -0.35 6.29 -0.77
N LEU A 21 -1.36 6.44 0.11
CA LEU A 21 -2.50 5.54 0.01
C LEU A 21 -3.33 5.81 -1.24
N VAL A 22 -3.40 7.08 -1.70
CA VAL A 22 -4.00 7.34 -3.01
C VAL A 22 -3.30 6.47 -4.07
N MET A 23 -1.98 6.49 -4.08
CA MET A 23 -1.23 5.76 -5.09
C MET A 23 -1.44 4.25 -4.96
N LEU A 24 -1.44 3.71 -3.74
CA LEU A 24 -1.63 2.27 -3.58
C LEU A 24 -3.00 1.83 -4.07
N ALA A 25 -4.06 2.54 -3.69
CA ALA A 25 -5.39 2.15 -4.17
C ALA A 25 -5.51 2.30 -5.67
N ARG A 26 -5.01 3.42 -6.21
CA ARG A 26 -5.05 3.63 -7.65
C ARG A 26 -4.30 2.52 -8.41
N MET A 27 -3.13 2.13 -7.89
CA MET A 27 -2.32 1.17 -8.61
C MET A 27 -2.76 -0.26 -8.43
N VAL A 28 -3.35 -0.61 -7.30
CA VAL A 28 -3.99 -1.91 -7.23
C VAL A 28 -5.08 -2.02 -8.28
N LEU A 29 -5.87 -0.95 -8.46
CA LEU A 29 -6.88 -0.93 -9.51
C LEU A 29 -6.28 -1.16 -10.88
N GLU A 30 -5.17 -0.47 -11.18
CA GLU A 30 -4.53 -0.62 -12.49
C GLU A 30 -3.98 -2.03 -12.66
N TYR A 31 -3.33 -2.56 -11.62
CA TYR A 31 -2.80 -3.92 -11.67
C TYR A 31 -3.91 -4.94 -11.88
N LEU A 32 -5.05 -4.74 -11.22
CA LEU A 32 -6.15 -5.68 -11.40
C LEU A 32 -6.66 -5.65 -12.83
N GLU A 33 -6.74 -4.45 -13.43
CA GLU A 33 -7.21 -4.34 -14.82
C GLU A 33 -6.22 -4.99 -15.79
N LYS A 34 -4.92 -4.86 -15.49
CA LYS A 34 -3.88 -5.42 -16.33
C LYS A 34 -3.66 -6.91 -16.11
N GLY A 35 -4.29 -7.49 -15.09
CA GLY A 35 -4.04 -8.88 -14.74
C GLY A 35 -2.72 -9.15 -14.07
N TRP A 36 -2.19 -8.16 -13.35
CA TRP A 36 -0.96 -8.28 -12.62
C TRP A 36 -1.17 -8.66 -11.15
N VAL A 37 -2.40 -8.59 -10.66
CA VAL A 37 -2.77 -9.00 -9.32
C VAL A 37 -4.10 -9.75 -9.45
N SER A 38 -4.28 -10.77 -8.61
CA SER A 38 -5.52 -11.51 -8.62
C SER A 38 -6.62 -10.72 -7.93
N GLU A 39 -7.85 -11.11 -8.21
CA GLU A 39 -8.98 -10.47 -7.58
C GLU A 39 -8.94 -10.67 -6.06
N GLU A 40 -8.58 -11.86 -5.62
CA GLU A 40 -8.54 -12.08 -4.18
C GLU A 40 -7.47 -11.23 -3.50
N ASP A 41 -6.29 -11.09 -4.12
CA ASP A 41 -5.25 -10.25 -3.53
C ASP A 41 -5.59 -8.77 -3.60
N ALA A 42 -6.33 -8.34 -4.62
CA ALA A 42 -6.83 -6.96 -4.66
C ALA A 42 -7.82 -6.69 -3.56
N ASP A 43 -8.69 -7.67 -3.26
CA ASP A 43 -9.64 -7.51 -2.16
C ASP A 43 -8.93 -7.40 -0.83
N GLU A 44 -7.92 -8.26 -0.61
CA GLU A 44 -7.13 -8.18 0.61
C GLU A 44 -6.34 -6.89 0.71
N SER A 45 -5.81 -6.41 -0.44
CA SER A 45 -5.15 -5.12 -0.48
C SER A 45 -6.07 -3.99 -0.05
N ALA A 46 -7.32 -4.00 -0.54
CA ALA A 46 -8.30 -3.00 -0.16
C ALA A 46 -8.53 -3.00 1.35
N ASP A 47 -8.63 -4.18 1.93
CA ASP A 47 -8.80 -4.27 3.38
C ASP A 47 -7.61 -3.70 4.12
N ARG A 48 -6.39 -3.97 3.64
CA ARG A 48 -5.21 -3.41 4.29
C ARG A 48 -5.11 -1.91 4.10
N ILE A 49 -5.43 -1.41 2.90
CA ILE A 49 -5.40 0.02 2.67
C ILE A 49 -6.38 0.73 3.60
N GLU A 50 -7.57 0.16 3.76
CA GLU A 50 -8.55 0.71 4.69
C GLU A 50 -7.98 0.78 6.11
N GLU A 51 -7.26 -0.26 6.54
CA GLU A 51 -6.71 -0.24 7.90
C GLU A 51 -5.70 0.86 8.06
N VAL A 52 -4.83 1.02 7.06
CA VAL A 52 -3.78 2.01 7.15
C VAL A 52 -4.39 3.40 7.07
N LEU A 53 -5.46 3.56 6.29
CA LEU A 53 -6.12 4.85 6.19
C LEU A 53 -6.64 5.31 7.55
N LYS A 54 -7.13 4.38 8.36
CA LYS A 54 -7.70 4.77 9.64
C LYS A 54 -6.64 5.21 10.64
N LYS A 55 -5.37 4.90 10.39
CA LYS A 55 -4.30 5.36 11.27
C LYS A 55 -3.66 6.71 10.97
N SER B 1 17.65 5.38 6.76
CA SER B 1 17.04 5.87 5.47
C SER B 1 15.67 5.26 5.25
N VAL B 2 14.94 5.93 4.39
CA VAL B 2 13.58 5.49 4.13
C VAL B 2 13.61 4.24 3.26
N ILE B 3 14.58 4.13 2.36
CA ILE B 3 14.70 2.92 1.56
C ILE B 3 14.97 1.75 2.48
N GLU B 4 15.88 1.93 3.45
CA GLU B 4 16.15 0.84 4.37
C GLU B 4 14.89 0.45 5.12
N LYS B 5 14.11 1.46 5.59
CA LYS B 5 12.91 1.17 6.35
C LYS B 5 11.91 0.35 5.53
N LEU B 6 11.74 0.70 4.27
CA LEU B 6 10.80 -0.05 3.42
C LEU B 6 11.31 -1.43 3.06
N ARG B 7 12.63 -1.61 2.84
CA ARG B 7 13.17 -2.94 2.59
C ARG B 7 13.03 -3.84 3.83
N LYS B 8 13.22 -3.27 5.02
CA LYS B 8 13.04 -4.05 6.25
C LYS B 8 11.59 -4.37 6.51
N LEU B 9 10.69 -3.48 6.10
CA LEU B 9 9.25 -3.71 6.23
C LEU B 9 8.84 -4.87 5.33
N GLU B 10 9.33 -4.88 4.10
CA GLU B 10 9.06 -5.99 3.22
C GLU B 10 9.60 -7.31 3.79
N LYS B 11 10.82 -7.28 4.35
CA LYS B 11 11.38 -8.47 4.98
C LYS B 11 10.51 -8.97 6.14
N GLN B 12 10.04 -8.06 6.98
CA GLN B 12 9.16 -8.43 8.11
C GLN B 12 7.86 -9.05 7.61
N ALA B 13 7.26 -8.47 6.58
CA ALA B 13 6.05 -9.05 6.01
C ALA B 13 6.30 -10.44 5.45
N ARG B 14 7.47 -10.65 4.80
CA ARG B 14 7.78 -11.94 4.25
C ARG B 14 7.97 -12.99 5.36
N LYS B 15 8.58 -12.55 6.45
CA LYS B 15 8.79 -13.44 7.60
C LYS B 15 7.46 -13.93 8.14
N GLN B 16 6.45 -13.07 8.14
CA GLN B 16 5.12 -13.37 8.67
C GLN B 16 4.22 -14.03 7.65
N GLY B 17 4.70 -14.20 6.43
CA GLY B 17 3.92 -14.89 5.43
C GLY B 17 2.84 -14.04 4.84
N ASP B 18 3.00 -12.73 4.86
CA ASP B 18 1.92 -11.84 4.44
C ASP B 18 2.20 -11.31 3.03
N GLU B 19 1.77 -12.07 2.02
CA GLU B 19 2.15 -11.75 0.63
C GLU B 19 1.55 -10.42 0.19
N VAL B 20 0.38 -10.02 0.68
CA VAL B 20 -0.20 -8.76 0.25
C VAL B 20 0.57 -7.59 0.84
N LEU B 21 1.02 -7.69 2.09
CA LEU B 21 1.78 -6.58 2.65
C LEU B 21 3.20 -6.52 2.09
N VAL B 22 3.78 -7.67 1.70
CA VAL B 22 5.02 -7.67 0.91
C VAL B 22 4.81 -6.83 -0.35
N MET B 23 3.72 -7.12 -1.05
CA MET B 23 3.42 -6.45 -2.31
C MET B 23 3.24 -4.96 -2.12
N LEU B 24 2.46 -4.54 -1.13
CA LEU B 24 2.19 -3.13 -0.92
C LEU B 24 3.44 -2.38 -0.45
N ALA B 25 4.24 -2.98 0.43
CA ALA B 25 5.46 -2.32 0.87
C ALA B 25 6.38 -2.10 -0.31
N ARG B 26 6.51 -3.09 -1.19
CA ARG B 26 7.40 -2.99 -2.35
C ARG B 26 6.87 -1.96 -3.35
N MET B 27 5.55 -1.80 -3.44
CA MET B 27 4.98 -0.74 -4.28
C MET B 27 5.34 0.65 -3.74
N VAL B 28 5.25 0.86 -2.44
CA VAL B 28 5.68 2.15 -1.87
C VAL B 28 7.13 2.45 -2.24
N LEU B 29 8.02 1.46 -2.08
CA LEU B 29 9.41 1.66 -2.46
C LEU B 29 9.54 2.00 -3.95
N GLU B 30 8.83 1.28 -4.81
CA GLU B 30 8.87 1.53 -6.24
C GLU B 30 8.51 2.99 -6.53
N TYR B 31 7.45 3.46 -5.92
CA TYR B 31 6.94 4.80 -6.26
C TYR B 31 7.84 5.85 -5.67
N LEU B 32 8.47 5.55 -4.52
CA LEU B 32 9.49 6.45 -3.96
C LEU B 32 10.66 6.58 -4.91
N GLU B 33 11.15 5.44 -5.43
CA GLU B 33 12.33 5.46 -6.28
C GLU B 33 12.04 6.09 -7.63
N LYS B 34 10.80 6.01 -8.11
CA LYS B 34 10.40 6.67 -9.37
C LYS B 34 10.11 8.15 -9.17
N GLY B 35 10.14 8.64 -7.94
CA GLY B 35 9.90 10.02 -7.61
C GLY B 35 8.44 10.43 -7.58
N TRP B 36 7.52 9.47 -7.44
CA TRP B 36 6.07 9.68 -7.50
C TRP B 36 5.48 9.98 -6.15
N VAL B 37 6.19 9.63 -5.08
CA VAL B 37 5.83 10.01 -3.73
C VAL B 37 7.09 10.55 -3.06
N SER B 38 6.88 11.35 -2.04
CA SER B 38 8.01 11.96 -1.36
C SER B 38 8.58 11.04 -0.29
N GLU B 39 9.84 11.30 0.07
CA GLU B 39 10.50 10.56 1.15
C GLU B 39 9.72 10.68 2.46
N GLU B 40 9.28 11.89 2.80
CA GLU B 40 8.58 12.07 4.08
C GLU B 40 7.29 11.27 4.10
N ASP B 41 6.56 11.26 3.00
CA ASP B 41 5.30 10.53 2.95
C ASP B 41 5.53 9.02 2.94
N ALA B 42 6.53 8.55 2.20
CA ALA B 42 6.85 7.13 2.20
C ALA B 42 7.26 6.67 3.61
N ASP B 43 7.99 7.51 4.33
CA ASP B 43 8.44 7.17 5.69
C ASP B 43 7.25 7.03 6.63
N GLU B 44 6.36 8.00 6.62
CA GLU B 44 5.18 7.93 7.47
C GLU B 44 4.29 6.75 7.12
N SER B 45 4.13 6.44 5.83
CA SER B 45 3.31 5.28 5.51
C SER B 45 3.96 3.97 5.90
N ALA B 46 5.29 3.88 5.84
CA ALA B 46 5.96 2.67 6.30
C ALA B 46 5.72 2.43 7.79
N ASP B 47 5.68 3.51 8.58
CA ASP B 47 5.34 3.38 9.99
C ASP B 47 3.94 2.81 10.17
N ARG B 48 2.97 3.31 9.41
CA ARG B 48 1.60 2.82 9.57
C ARG B 48 1.45 1.40 9.07
N ILE B 49 2.15 1.05 7.99
CA ILE B 49 2.03 -0.33 7.52
C ILE B 49 2.65 -1.28 8.55
N GLU B 50 3.76 -0.86 9.17
CA GLU B 50 4.37 -1.66 10.22
C GLU B 50 3.38 -1.92 11.36
N GLU B 51 2.63 -0.90 11.75
CA GLU B 51 1.65 -1.07 12.85
C GLU B 51 0.59 -2.09 12.47
N VAL B 52 0.15 -2.09 11.22
CA VAL B 52 -0.81 -3.08 10.77
C VAL B 52 -0.20 -4.46 10.80
N LEU B 53 1.07 -4.58 10.38
CA LEU B 53 1.71 -5.88 10.36
C LEU B 53 1.82 -6.45 11.77
N LYS B 54 2.07 -5.59 12.75
CA LYS B 54 2.19 -6.05 14.15
C LYS B 54 0.86 -6.56 14.70
N LYS B 55 -0.26 -6.26 14.04
CA LYS B 55 -1.63 -6.76 14.28
C LYS B 55 -2.40 -5.76 15.10
#